data_4ILD
#
_entry.id   4ILD
#
_cell.length_a   136.720
_cell.length_b   54.450
_cell.length_c   95.920
_cell.angle_alpha   90.00
_cell.angle_beta   92.23
_cell.angle_gamma   90.00
#
_symmetry.space_group_name_H-M   'C 1 2 1'
#
loop_
_entity.id
_entity.type
_entity.pdbx_description
1 polymer 'Envelope glycoprotein E2'
2 branched 2-acetamido-2-deoxy-beta-D-glucopyranose-(1-4)-2-acetamido-2-deoxy-beta-D-glucopyranose
3 non-polymer 'CALCIUM ION'
4 non-polymer 'URANYL (VI) ION'
#
_entity_poly.entity_id   1
_entity_poly.type   'polypeptide(L)'
_entity_poly.pdbx_seq_one_letter_code
;LLEQEDVVEMDDNFEFGLCPCDAKPIVRGKFNTTLLNGPAFQMVCPIGWTGTVSCTSFNMDTLATTVVRTYRRSKPFPHR
QGCITQKNLGEDLHNCILGGNWTCVPGDQLLYKGGSIESCKWCGYQFKESEGLPHYPIGKCKLENETGYRLVDSTSCNRE
GVAIVPQGTLKCKIGKTTVQVIAMDTKLGPMPCRPYEIISSEGPVEKTACTFNYTKTLKNKYFEPRDSYFQQYMLKGEYQ
YWFDLEVTDHHRD
;
_entity_poly.pdbx_strand_id   A,B
#
# COMPACT_ATOMS: atom_id res chain seq x y z
N ASP A 6 1.26 45.76 75.36
CA ASP A 6 2.32 44.73 75.09
C ASP A 6 2.10 44.08 73.71
N VAL A 7 1.41 42.92 73.68
CA VAL A 7 1.22 42.15 72.44
C VAL A 7 -0.27 41.82 72.24
N VAL A 8 -0.70 41.81 70.98
CA VAL A 8 -2.11 41.61 70.61
C VAL A 8 -2.21 40.61 69.48
N GLU A 9 -2.79 39.43 69.75
CA GLU A 9 -3.07 38.47 68.67
C GLU A 9 -4.20 39.04 67.80
N MET A 10 -3.99 39.04 66.49
CA MET A 10 -4.94 39.65 65.57
C MET A 10 -6.15 38.73 65.36
N ASP A 11 -7.34 39.31 65.49
CA ASP A 11 -8.63 38.62 65.31
C ASP A 11 -8.66 37.89 63.98
N ASP A 12 -9.37 36.77 63.90
CA ASP A 12 -9.39 36.00 62.66
C ASP A 12 -9.61 36.86 61.46
N ASN A 13 -10.38 37.94 61.61
CA ASN A 13 -10.59 38.85 60.49
C ASN A 13 -10.15 40.28 60.77
N PHE A 14 -9.04 40.41 61.48
CA PHE A 14 -8.47 41.68 61.84
C PHE A 14 -8.22 42.44 60.55
N GLU A 15 -8.48 43.72 60.54
CA GLU A 15 -8.30 44.49 59.32
C GLU A 15 -7.65 45.84 59.46
N PHE A 16 -7.62 46.40 60.66
CA PHE A 16 -7.12 47.73 60.84
C PHE A 16 -6.32 47.75 62.11
N GLY A 17 -5.24 48.53 62.11
CA GLY A 17 -4.36 48.59 63.25
C GLY A 17 -3.96 50.01 63.39
N LEU A 18 -3.40 50.38 64.53
CA LEU A 18 -2.91 51.73 64.72
C LEU A 18 -1.98 51.81 65.92
N CYS A 19 -0.69 52.01 65.63
CA CYS A 19 0.33 52.30 66.63
C CYS A 19 0.03 53.57 67.35
N PRO A 20 0.48 53.68 68.62
CA PRO A 20 0.02 54.86 69.36
C PRO A 20 0.69 56.18 68.99
N CYS A 21 1.89 56.40 69.51
CA CYS A 21 2.40 57.74 69.76
C CYS A 21 2.91 58.35 68.47
N ASP A 22 2.00 58.50 67.52
CA ASP A 22 2.34 58.79 66.13
C ASP A 22 3.68 58.07 65.78
N ALA A 23 3.67 56.76 66.05
CA ALA A 23 4.84 55.87 66.05
C ALA A 23 4.78 54.82 64.93
N LYS A 24 5.76 54.75 64.04
CA LYS A 24 5.69 53.91 62.81
C LYS A 24 5.52 52.39 63.07
N PRO A 25 4.64 51.68 62.30
CA PRO A 25 4.66 50.23 62.48
C PRO A 25 5.61 49.59 61.51
N ILE A 26 6.17 48.46 61.92
CA ILE A 26 7.14 47.75 61.11
C ILE A 26 6.61 46.35 60.87
N VAL A 27 6.44 46.01 59.60
CA VAL A 27 5.66 44.84 59.22
C VAL A 27 6.55 43.67 58.85
N ARG A 28 7.05 42.98 59.86
CA ARG A 28 7.81 41.76 59.63
C ARG A 28 6.82 40.65 59.29
N GLY A 29 6.66 40.36 57.99
CA GLY A 29 5.58 39.47 57.52
C GLY A 29 5.96 38.33 56.58
N LYS A 30 4.95 37.60 56.11
CA LYS A 30 5.14 36.44 55.25
C LYS A 30 5.07 36.79 53.78
N PHE A 31 4.21 37.73 53.43
CA PHE A 31 4.12 38.25 52.08
C PHE A 31 3.54 39.65 52.10
N ASN A 32 3.80 40.41 51.04
CA ASN A 32 3.45 41.82 50.98
C ASN A 32 1.95 42.06 50.88
N THR A 33 1.31 42.43 51.99
CA THR A 33 -0.16 42.68 52.01
C THR A 33 -0.62 43.78 52.95
N THR A 34 0.17 44.83 53.08
CA THR A 34 -0.10 45.89 54.04
C THR A 34 -0.15 47.27 53.37
N LEU A 35 -0.94 48.16 53.95
CA LEU A 35 -0.94 49.56 53.55
C LEU A 35 -0.58 50.37 54.78
N LEU A 36 0.35 51.31 54.64
CA LEU A 36 0.84 52.08 55.78
C LEU A 36 0.46 53.55 55.68
N ASN A 37 0.08 54.11 56.82
CA ASN A 37 -0.29 55.51 56.91
C ASN A 37 0.24 56.06 58.21
N GLY A 38 1.56 56.28 58.22
CA GLY A 38 2.24 56.81 59.38
C GLY A 38 2.05 55.84 60.52
N PRO A 39 1.41 56.28 61.62
CA PRO A 39 1.17 55.43 62.80
C PRO A 39 0.02 54.44 62.66
N ALA A 40 -0.52 54.34 61.46
CA ALA A 40 -1.61 53.42 61.21
C ALA A 40 -1.26 52.48 60.08
N PHE A 41 -2.00 51.39 59.97
CA PHE A 41 -1.81 50.43 58.90
C PHE A 41 -3.04 49.55 58.68
N GLN A 42 -3.19 49.12 57.43
CA GLN A 42 -4.32 48.32 57.01
C GLN A 42 -3.86 47.01 56.38
N MET A 43 -4.49 45.92 56.78
CA MET A 43 -4.18 44.57 56.30
C MET A 43 -5.13 44.20 55.19
N VAL A 44 -4.71 44.37 53.95
CA VAL A 44 -5.63 44.17 52.82
C VAL A 44 -5.53 42.72 52.33
N CYS A 45 -6.64 41.99 52.45
CA CYS A 45 -6.77 40.59 52.03
C CYS A 45 -5.58 39.71 52.36
N PRO A 46 -5.28 39.54 53.64
CA PRO A 46 -4.06 38.85 54.04
C PRO A 46 -4.27 37.35 54.24
N ILE A 47 -4.89 36.69 53.27
CA ILE A 47 -5.21 35.28 53.39
C ILE A 47 -3.92 34.46 53.43
N GLY A 48 -3.73 33.71 54.51
CA GLY A 48 -2.55 32.86 54.65
C GLY A 48 -1.36 33.58 55.25
N TRP A 49 -1.55 34.84 55.59
CA TRP A 49 -0.46 35.66 56.11
C TRP A 49 -0.22 35.38 57.57
N THR A 50 1.04 35.33 57.95
CA THR A 50 1.43 35.22 59.33
C THR A 50 2.58 36.15 59.56
N GLY A 51 2.56 36.86 60.68
CA GLY A 51 3.68 37.71 60.99
C GLY A 51 3.33 38.68 62.07
N THR A 52 4.15 39.74 62.16
CA THR A 52 4.03 40.73 63.21
C THR A 52 4.23 42.12 62.66
N VAL A 53 3.31 43.01 62.98
CA VAL A 53 3.61 44.42 62.91
C VAL A 53 3.92 44.73 64.35
N SER A 54 5.02 45.42 64.59
CA SER A 54 5.37 45.81 65.94
C SER A 54 5.51 47.32 65.92
N CYS A 55 4.64 47.98 66.66
CA CYS A 55 4.45 49.41 66.58
C CYS A 55 5.66 50.08 67.15
N THR A 56 6.78 50.12 66.43
CA THR A 56 7.97 50.75 67.02
C THR A 56 7.97 52.28 66.94
N SER A 57 8.75 52.86 67.84
CA SER A 57 8.79 54.29 68.09
C SER A 57 10.23 54.73 68.27
N PHE A 58 10.57 55.86 67.70
CA PHE A 58 11.93 56.37 67.77
C PHE A 58 11.92 57.78 68.32
N ASN A 59 13.02 58.15 68.97
CA ASN A 59 13.13 59.42 69.63
C ASN A 59 14.17 60.14 68.84
N MET A 60 13.86 61.36 68.42
CA MET A 60 14.86 62.17 67.72
C MET A 60 15.97 62.57 68.69
N ASP A 61 15.61 62.77 69.95
CA ASP A 61 16.48 63.36 70.94
C ASP A 61 17.53 62.41 71.48
N THR A 62 17.06 61.31 72.02
CA THR A 62 17.91 60.19 72.37
C THR A 62 17.60 59.25 71.28
N LEU A 63 18.46 58.28 71.09
CA LEU A 63 18.38 57.52 69.89
C LEU A 63 17.63 56.25 70.28
N ALA A 64 16.86 56.37 71.35
CA ALA A 64 16.15 55.24 71.92
C ALA A 64 15.04 54.83 70.98
N THR A 65 14.99 53.54 70.66
CA THR A 65 13.96 53.01 69.80
C THR A 65 13.19 52.02 70.64
N THR A 66 11.89 52.23 70.79
CA THR A 66 11.11 51.41 71.71
C THR A 66 9.84 50.90 71.06
N VAL A 67 9.73 49.58 70.97
CA VAL A 67 8.48 48.94 70.56
C VAL A 67 7.49 49.05 71.71
N VAL A 68 6.35 49.66 71.43
CA VAL A 68 5.39 50.04 72.45
C VAL A 68 4.12 49.20 72.36
N ARG A 69 4.03 48.38 71.32
CA ARG A 69 2.88 47.52 71.09
C ARG A 69 3.21 46.64 69.89
N THR A 70 2.91 45.36 70.02
CA THR A 70 3.11 44.43 68.92
C THR A 70 1.75 43.85 68.56
N TYR A 71 1.45 43.73 67.27
CA TYR A 71 0.34 42.93 66.82
C TYR A 71 0.91 41.67 66.19
N ARG A 72 0.49 40.51 66.68
CA ARG A 72 0.89 39.23 66.12
C ARG A 72 -0.27 38.54 65.42
N ARG A 73 -0.01 38.08 64.21
CA ARG A 73 -0.75 36.99 63.63
C ARG A 73 0.16 35.78 63.68
N SER A 74 -0.23 34.77 64.45
CA SER A 74 0.62 33.60 64.65
C SER A 74 0.26 32.50 63.66
N LYS A 75 -1.04 32.33 63.43
CA LYS A 75 -1.52 31.34 62.47
C LYS A 75 -2.20 32.00 61.27
N PRO A 76 -2.06 31.41 60.07
CA PRO A 76 -2.61 31.99 58.83
C PRO A 76 -4.06 32.49 58.91
N PHE A 77 -4.35 33.66 58.34
CA PHE A 77 -5.73 34.13 58.23
C PHE A 77 -6.52 33.16 57.37
N PRO A 78 -7.82 33.04 57.63
CA PRO A 78 -8.69 32.22 56.79
C PRO A 78 -9.19 33.03 55.62
N HIS A 79 -9.95 32.40 54.72
CA HIS A 79 -10.62 33.13 53.66
C HIS A 79 -11.56 34.08 54.37
N ARG A 80 -11.76 35.26 53.81
CA ARG A 80 -12.48 36.28 54.52
C ARG A 80 -13.32 37.05 53.55
N GLN A 81 -14.63 37.06 53.75
CA GLN A 81 -15.49 38.09 53.19
C GLN A 81 -15.26 38.32 51.70
N GLY A 82 -15.18 39.58 51.29
CA GLY A 82 -15.05 39.94 49.89
C GLY A 82 -13.59 40.04 49.53
N CYS A 83 -12.88 38.92 49.65
CA CYS A 83 -11.51 38.79 49.15
C CYS A 83 -11.51 37.68 48.13
N ILE A 84 -11.38 38.04 46.86
CA ILE A 84 -11.43 37.05 45.80
C ILE A 84 -10.09 36.32 45.77
N THR A 85 -10.07 35.06 46.20
CA THR A 85 -8.84 34.29 46.22
C THR A 85 -8.69 33.51 44.91
N GLN A 86 -8.86 34.22 43.80
CA GLN A 86 -8.56 33.69 42.46
C GLN A 86 -8.51 34.86 41.48
N LYS A 87 -7.63 34.77 40.50
CA LYS A 87 -7.35 35.91 39.62
C LYS A 87 -7.03 35.42 38.21
N ASN A 88 -7.40 36.21 37.22
CA ASN A 88 -7.02 35.96 35.82
C ASN A 88 -5.56 36.38 35.60
N LEU A 89 -4.72 35.43 35.23
CA LEU A 89 -3.41 35.73 34.68
C LEU A 89 -3.51 35.70 33.16
N GLY A 90 -3.84 36.85 32.59
CA GLY A 90 -4.03 36.98 31.16
C GLY A 90 -5.46 36.64 30.80
N GLU A 91 -5.68 35.40 30.43
CA GLU A 91 -7.02 34.87 30.17
C GLU A 91 -7.27 33.56 30.91
N ASP A 92 -6.29 33.12 31.69
CA ASP A 92 -6.34 31.83 32.35
C ASP A 92 -6.64 32.02 33.82
N LEU A 93 -7.81 31.58 34.25
CA LEU A 93 -8.20 31.60 35.65
C LEU A 93 -7.15 30.88 36.48
N HIS A 94 -6.53 31.62 37.39
CA HIS A 94 -5.44 31.13 38.20
C HIS A 94 -5.78 31.27 39.68
N ASN A 95 -5.31 30.31 40.47
CA ASN A 95 -5.55 30.27 41.92
C ASN A 95 -4.80 31.40 42.62
N CYS A 96 -5.04 31.57 43.92
CA CYS A 96 -4.30 32.53 44.72
C CYS A 96 -3.67 31.89 45.93
N ILE A 97 -2.43 31.40 45.78
CA ILE A 97 -1.72 30.69 46.86
C ILE A 97 -1.73 31.46 48.18
N LEU A 98 -1.65 32.78 48.10
CA LEU A 98 -1.69 33.64 49.27
C LEU A 98 -2.44 34.91 48.92
N GLY A 99 -3.18 35.45 49.87
CA GLY A 99 -3.82 36.71 49.66
C GLY A 99 -5.03 36.64 48.74
N GLY A 100 -5.58 37.81 48.52
CA GLY A 100 -6.82 38.07 47.76
C GLY A 100 -6.60 39.32 46.93
N ASN A 101 -7.65 39.97 46.44
CA ASN A 101 -7.49 40.87 45.29
C ASN A 101 -6.31 41.82 45.35
N TRP A 102 -5.36 41.61 44.45
CA TRP A 102 -4.19 42.50 44.24
C TRP A 102 -3.04 42.29 45.21
N THR A 103 -3.23 41.43 46.16
CA THR A 103 -2.19 40.93 47.00
C THR A 103 -1.96 39.51 46.56
N CYS A 104 -2.84 39.04 45.70
CA CYS A 104 -2.85 37.64 45.36
C CYS A 104 -1.47 37.21 44.90
N VAL A 105 -0.99 36.10 45.46
CA VAL A 105 0.22 35.46 45.03
C VAL A 105 -0.22 34.33 44.14
N PRO A 106 -0.18 34.54 42.81
CA PRO A 106 -0.72 33.58 41.85
C PRO A 106 -0.10 32.20 41.98
N GLY A 107 -0.90 31.18 41.67
CA GLY A 107 -0.46 29.80 41.73
C GLY A 107 -0.99 29.05 40.53
N ASP A 108 -1.13 27.74 40.69
CA ASP A 108 -1.54 26.86 39.60
C ASP A 108 -2.87 27.33 38.96
N GLN A 109 -3.10 26.93 37.71
CA GLN A 109 -4.39 27.21 37.04
C GLN A 109 -5.50 26.34 37.62
N LEU A 110 -6.74 26.83 37.53
CA LEU A 110 -7.88 26.11 38.08
C LEU A 110 -8.38 25.03 37.12
N LEU A 111 -8.68 23.85 37.67
CA LEU A 111 -9.26 22.78 36.89
C LEU A 111 -10.74 23.11 36.72
N TYR A 112 -11.37 22.44 35.78
CA TYR A 112 -12.81 22.57 35.58
C TYR A 112 -13.49 21.58 36.52
N LYS A 113 -13.92 22.10 37.66
CA LYS A 113 -14.53 21.28 38.69
C LYS A 113 -15.86 20.74 38.20
N GLY A 114 -16.61 21.58 37.47
CA GLY A 114 -17.99 21.29 37.13
C GLY A 114 -18.75 22.60 37.07
N GLY A 115 -19.36 22.86 35.93
CA GLY A 115 -20.06 24.13 35.69
C GLY A 115 -20.65 24.16 34.30
N SER A 116 -21.17 25.31 33.91
CA SER A 116 -21.75 25.50 32.58
C SER A 116 -20.70 26.10 31.60
N ILE A 117 -20.01 25.23 30.87
CA ILE A 117 -18.96 25.66 29.93
C ILE A 117 -19.52 26.52 28.79
N GLU A 118 -19.15 27.80 28.78
CA GLU A 118 -19.62 28.71 27.73
C GLU A 118 -18.84 28.49 26.44
N SER A 119 -17.52 28.43 26.55
CA SER A 119 -16.63 28.28 25.40
C SER A 119 -15.35 27.56 25.82
N CYS A 120 -14.84 26.69 24.95
CA CYS A 120 -13.51 26.09 25.13
C CYS A 120 -12.55 26.75 24.16
N LYS A 121 -11.27 26.57 24.41
CA LYS A 121 -10.26 27.09 23.52
C LYS A 121 -9.18 26.05 23.48
N TRP A 122 -8.85 25.59 22.28
CA TRP A 122 -7.92 24.48 22.15
C TRP A 122 -7.07 24.74 20.94
N CYS A 123 -5.77 24.47 21.06
CA CYS A 123 -4.82 24.71 20.02
C CYS A 123 -4.94 26.10 19.45
N GLY A 124 -5.33 27.08 20.25
CA GLY A 124 -5.39 28.47 19.79
C GLY A 124 -6.61 28.89 18.99
N TYR A 125 -7.65 28.03 19.00
CA TYR A 125 -8.92 28.29 18.36
C TYR A 125 -9.97 28.01 19.37
N GLN A 126 -11.15 28.61 19.17
CA GLN A 126 -12.22 28.61 20.16
C GLN A 126 -13.45 27.83 19.69
N PHE A 127 -14.02 27.01 20.55
CA PHE A 127 -15.14 26.13 20.17
C PHE A 127 -16.27 26.07 21.19
N LYS A 128 -17.50 26.07 20.72
CA LYS A 128 -18.68 25.99 21.59
C LYS A 128 -19.48 24.72 21.40
N GLU A 129 -19.19 23.96 20.36
CA GLU A 129 -19.91 22.70 20.14
C GLU A 129 -18.99 21.58 19.71
N SER A 130 -19.43 20.37 19.97
CA SER A 130 -18.58 19.20 19.85
C SER A 130 -18.24 18.83 18.43
N GLU A 131 -18.90 19.47 17.47
CA GLU A 131 -18.78 19.08 16.07
C GLU A 131 -17.31 19.09 15.66
N GLY A 132 -16.76 17.91 15.33
CA GLY A 132 -15.43 17.81 14.73
C GLY A 132 -14.23 17.57 15.62
N LEU A 133 -14.44 17.43 16.93
CA LEU A 133 -13.31 17.32 17.85
C LEU A 133 -13.27 15.95 18.47
N PRO A 134 -12.07 15.44 18.73
CA PRO A 134 -12.00 14.11 19.33
C PRO A 134 -12.75 14.01 20.65
N HIS A 135 -13.23 15.14 21.17
CA HIS A 135 -14.27 15.20 22.20
C HIS A 135 -14.53 16.64 22.58
N TYR A 136 -15.46 16.83 23.51
CA TYR A 136 -15.79 18.14 24.04
C TYR A 136 -16.50 17.95 25.38
N PRO A 137 -16.27 18.86 26.35
CA PRO A 137 -15.31 19.97 26.36
C PRO A 137 -13.86 19.50 26.28
N ILE A 138 -13.00 20.40 25.85
CA ILE A 138 -11.65 20.02 25.49
C ILE A 138 -10.66 21.19 25.55
N GLY A 139 -9.48 20.96 26.12
CA GLY A 139 -8.44 21.99 26.20
C GLY A 139 -8.58 22.82 27.46
N LYS A 140 -9.13 24.02 27.32
CA LYS A 140 -9.39 24.88 28.47
C LYS A 140 -10.61 25.72 28.21
N CYS A 141 -11.59 25.64 29.10
CA CYS A 141 -12.89 26.26 28.85
C CYS A 141 -13.16 27.31 29.89
N LYS A 142 -14.29 27.99 29.78
CA LYS A 142 -14.65 29.04 30.75
C LYS A 142 -16.15 29.09 31.02
N LEU A 143 -16.53 29.17 32.29
CA LEU A 143 -17.94 29.24 32.69
C LEU A 143 -18.51 30.60 32.26
N GLU A 144 -19.81 30.80 32.39
CA GLU A 144 -20.40 32.09 32.02
C GLU A 144 -20.15 33.12 33.12
N ASN A 145 -20.38 32.72 34.37
CA ASN A 145 -20.16 33.60 35.52
C ASN A 145 -18.70 34.05 35.64
N GLU A 146 -17.78 33.22 35.15
CA GLU A 146 -16.34 33.53 35.12
C GLU A 146 -15.89 34.17 33.80
N THR A 147 -14.69 34.73 33.82
CA THR A 147 -14.15 35.43 32.66
C THR A 147 -12.79 34.90 32.19
N GLY A 148 -12.33 33.80 32.80
CA GLY A 148 -11.05 33.19 32.42
C GLY A 148 -11.14 31.69 32.26
N TYR A 149 -10.19 31.15 31.51
CA TYR A 149 -10.24 29.76 31.15
C TYR A 149 -9.69 28.88 32.26
N ARG A 150 -10.39 27.82 32.61
CA ARG A 150 -9.84 26.85 33.58
C ARG A 150 -9.46 25.61 32.83
N LEU A 151 -8.46 24.89 33.31
CA LEU A 151 -8.01 23.70 32.61
C LEU A 151 -9.19 22.81 32.45
N VAL A 152 -9.19 21.92 31.48
CA VAL A 152 -10.13 20.80 31.50
C VAL A 152 -9.40 19.51 31.17
N ASP A 153 -8.54 19.61 30.18
CA ASP A 153 -8.10 18.47 29.46
C ASP A 153 -6.84 18.96 28.76
N SER A 154 -6.01 18.03 28.28
CA SER A 154 -4.74 18.39 27.66
C SER A 154 -4.43 17.41 26.54
N THR A 155 -5.30 17.36 25.53
CA THR A 155 -5.08 16.50 24.38
C THR A 155 -3.89 17.05 23.64
N SER A 156 -3.32 16.22 22.78
CA SER A 156 -2.28 16.69 21.89
C SER A 156 -2.96 17.46 20.77
N CYS A 157 -2.40 18.60 20.41
CA CYS A 157 -2.84 19.33 19.24
C CYS A 157 -2.28 18.69 17.98
N ASN A 158 -1.73 17.48 18.13
CA ASN A 158 -1.14 16.75 17.03
C ASN A 158 -1.85 15.44 16.79
N ARG A 159 -2.54 15.40 15.67
CA ARG A 159 -3.55 14.42 15.38
C ARG A 159 -3.06 13.45 14.36
N GLU A 160 -2.67 12.26 14.82
CA GLU A 160 -2.28 11.18 13.93
C GLU A 160 -1.27 11.67 12.91
N GLY A 161 -0.44 12.61 13.35
CA GLY A 161 0.62 13.10 12.52
C GLY A 161 0.33 14.41 11.82
N VAL A 162 -0.83 15.00 12.03
CA VAL A 162 -1.03 16.36 11.56
C VAL A 162 -1.51 17.23 12.71
N ALA A 163 -0.94 18.42 12.83
CA ALA A 163 -1.13 19.25 14.03
C ALA A 163 -1.84 20.55 13.76
N ILE A 164 -2.82 20.87 14.61
CA ILE A 164 -3.58 22.10 14.47
C ILE A 164 -2.96 23.16 15.35
N VAL A 165 -2.68 24.30 14.74
CA VAL A 165 -1.76 25.26 15.32
C VAL A 165 -2.13 26.66 14.84
N PRO A 166 -1.60 27.70 15.48
CA PRO A 166 -1.86 29.07 15.06
C PRO A 166 -1.23 29.47 13.73
N GLN A 167 -0.05 28.89 13.42
CA GLN A 167 0.67 29.26 12.18
C GLN A 167 0.77 28.14 11.14
N GLY A 168 0.36 28.48 9.91
CA GLY A 168 0.55 27.64 8.70
C GLY A 168 0.05 26.21 8.79
N THR A 169 0.08 25.46 7.69
CA THR A 169 0.45 25.96 6.36
C THR A 169 -0.75 25.92 5.41
N LEU A 170 -1.87 25.41 5.89
CA LEU A 170 -3.14 25.72 5.28
C LEU A 170 -4.22 25.82 6.33
N LYS A 171 -5.39 26.25 5.91
CA LYS A 171 -6.52 26.42 6.79
C LYS A 171 -7.63 25.46 6.39
N CYS A 172 -8.05 24.61 7.32
CA CYS A 172 -9.23 23.77 7.11
C CYS A 172 -10.30 24.18 8.13
N LYS A 173 -11.26 23.31 8.46
CA LYS A 173 -12.38 23.70 9.31
C LYS A 173 -12.82 22.61 10.29
N ILE A 174 -12.85 22.95 11.57
CA ILE A 174 -13.46 22.10 12.58
C ILE A 174 -14.79 22.72 12.91
N GLY A 175 -15.87 21.97 12.75
CA GLY A 175 -17.22 22.49 12.98
C GLY A 175 -17.38 23.84 12.32
N LYS A 176 -18.02 24.78 13.02
CA LYS A 176 -18.25 26.13 12.46
C LYS A 176 -16.96 26.94 12.29
N THR A 177 -15.91 26.53 13.00
CA THR A 177 -14.77 27.40 13.26
C THR A 177 -13.56 27.05 12.40
N THR A 178 -13.02 28.07 11.74
CA THR A 178 -11.86 27.94 10.87
C THR A 178 -10.59 27.70 11.67
N VAL A 179 -9.76 26.80 11.16
CA VAL A 179 -8.59 26.30 11.87
C VAL A 179 -7.44 26.27 10.86
N GLN A 180 -6.23 26.05 11.35
CA GLN A 180 -5.03 26.17 10.54
C GLN A 180 -4.04 25.12 11.00
N VAL A 181 -3.31 24.52 10.08
CA VAL A 181 -2.69 23.22 10.37
C VAL A 181 -1.39 22.92 9.60
N ILE A 182 -0.42 22.31 10.29
CA ILE A 182 0.84 21.93 9.67
C ILE A 182 1.01 20.41 9.66
N ALA A 183 1.62 19.91 8.59
CA ALA A 183 2.08 18.53 8.47
C ALA A 183 3.18 18.24 9.45
N MET A 184 3.19 17.02 9.97
CA MET A 184 4.31 16.54 10.79
C MET A 184 4.94 15.25 10.27
N ASP A 185 4.50 14.81 9.10
CA ASP A 185 5.14 13.72 8.38
C ASP A 185 4.58 13.66 6.97
N THR A 186 5.09 12.71 6.20
CA THR A 186 4.67 12.52 4.83
C THR A 186 3.80 11.26 4.69
N LYS A 187 3.73 10.47 5.76
CA LYS A 187 3.02 9.19 5.72
C LYS A 187 1.53 9.43 5.59
N LEU A 188 0.84 8.53 4.87
CA LEU A 188 -0.59 8.74 4.58
C LEU A 188 -1.40 8.72 5.87
N GLY A 189 -2.38 9.61 5.94
CA GLY A 189 -3.18 9.75 7.15
C GLY A 189 -4.38 10.68 6.97
N PRO A 190 -5.28 10.69 7.96
CA PRO A 190 -6.48 11.50 7.85
C PRO A 190 -6.23 12.92 8.31
N MET A 191 -6.97 13.85 7.71
CA MET A 191 -6.99 15.22 8.18
C MET A 191 -7.93 15.27 9.36
N PRO A 192 -7.61 16.08 10.36
CA PRO A 192 -8.43 16.19 11.54
C PRO A 192 -9.55 17.19 11.38
N CYS A 193 -9.88 17.55 10.14
CA CYS A 193 -10.77 18.67 9.88
C CYS A 193 -11.39 18.54 8.49
N ARG A 194 -12.56 19.14 8.30
CA ARG A 194 -13.13 19.17 6.96
C ARG A 194 -12.40 20.30 6.19
N PRO A 195 -12.34 20.19 4.86
CA PRO A 195 -11.68 21.18 3.99
C PRO A 195 -12.27 22.59 4.01
N TYR A 196 -11.48 23.60 3.64
CA TYR A 196 -11.94 25.00 3.61
C TYR A 196 -12.89 25.27 2.45
N GLU A 197 -12.39 25.18 1.21
CA GLU A 197 -13.20 25.49 0.02
C GLU A 197 -13.10 24.37 -1.02
N ILE A 198 -14.25 23.74 -1.32
CA ILE A 198 -14.29 22.69 -2.35
C ILE A 198 -14.55 23.31 -3.73
N ILE A 199 -13.47 23.82 -4.30
CA ILE A 199 -13.49 24.44 -5.62
C ILE A 199 -13.81 23.36 -6.68
N SER A 200 -14.76 23.68 -7.58
CA SER A 200 -15.30 22.72 -8.57
C SER A 200 -14.68 22.88 -9.97
N SER A 201 -15.21 22.15 -10.95
CA SER A 201 -14.84 22.33 -12.35
C SER A 201 -15.97 21.90 -13.28
N THR A 208 -20.30 14.78 -25.12
CA THR A 208 -20.65 14.97 -23.74
C THR A 208 -19.61 14.35 -22.96
N ALA A 209 -19.54 14.74 -21.68
CA ALA A 209 -18.27 14.74 -20.87
C ALA A 209 -18.26 14.10 -19.43
N CYS A 210 -17.10 14.24 -18.74
CA CYS A 210 -16.82 13.86 -17.28
C CYS A 210 -16.36 15.04 -16.34
N THR A 211 -16.56 14.92 -15.01
CA THR A 211 -16.22 16.03 -14.06
C THR A 211 -15.84 15.70 -12.64
N PHE A 212 -15.21 16.69 -12.00
CA PHE A 212 -14.65 16.58 -10.65
C PHE A 212 -14.57 17.91 -9.85
N ASN A 213 -14.59 17.76 -8.53
CA ASN A 213 -14.35 18.83 -7.54
C ASN A 213 -13.02 18.52 -6.90
N TYR A 214 -12.34 19.51 -6.33
CA TYR A 214 -11.08 19.24 -5.60
C TYR A 214 -10.79 20.32 -4.56
N THR A 215 -9.70 20.17 -3.82
CA THR A 215 -9.35 21.14 -2.77
C THR A 215 -7.91 20.95 -2.39
N LYS A 216 -7.29 21.95 -1.75
CA LYS A 216 -5.89 21.85 -1.37
C LYS A 216 -5.69 20.99 -0.11
N THR A 217 -4.51 20.41 0.06
CA THR A 217 -4.27 19.54 1.20
C THR A 217 -2.80 19.36 1.58
N LEU A 218 -2.60 18.79 2.76
CA LEU A 218 -1.28 18.35 3.22
C LEU A 218 -0.85 17.13 2.43
N LYS A 219 0.45 16.88 2.38
CA LYS A 219 0.99 16.00 1.37
C LYS A 219 0.19 14.72 1.18
N ASN A 220 0.15 13.85 2.19
CA ASN A 220 -0.50 12.56 2.00
C ASN A 220 -1.65 12.43 2.94
N LYS A 221 -2.30 13.55 3.21
CA LYS A 221 -3.40 13.55 4.14
C LYS A 221 -4.70 13.64 3.38
N TYR A 222 -5.75 13.05 3.94
CA TYR A 222 -7.01 12.89 3.21
C TYR A 222 -8.23 13.32 4.03
N PHE A 223 -9.11 14.09 3.40
CA PHE A 223 -10.38 14.42 4.00
C PHE A 223 -11.36 13.33 3.67
N GLU A 224 -12.36 13.16 4.52
CA GLU A 224 -13.54 12.42 4.14
C GLU A 224 -14.23 13.21 3.04
N PRO A 225 -14.81 12.52 2.04
CA PRO A 225 -14.91 11.08 1.93
C PRO A 225 -14.03 10.48 0.82
N ARG A 226 -14.02 9.16 0.73
CA ARG A 226 -13.37 8.46 -0.37
C ARG A 226 -14.09 8.88 -1.65
N ASP A 227 -13.41 8.85 -2.79
CA ASP A 227 -14.12 9.10 -4.04
C ASP A 227 -15.27 8.12 -4.16
N SER A 228 -16.45 8.64 -4.50
CA SER A 228 -17.61 7.80 -4.65
C SER A 228 -17.28 6.70 -5.63
N TYR A 229 -16.58 7.06 -6.70
CA TYR A 229 -16.41 6.11 -7.78
C TYR A 229 -15.32 5.10 -7.57
N PHE A 230 -14.08 5.56 -7.60
CA PHE A 230 -12.95 4.66 -7.49
C PHE A 230 -12.87 4.17 -6.07
N GLN A 231 -13.65 4.79 -5.20
CA GLN A 231 -13.68 4.40 -3.82
C GLN A 231 -12.26 4.32 -3.28
N GLN A 232 -11.63 5.48 -3.25
CA GLN A 232 -10.36 5.64 -2.59
C GLN A 232 -10.09 7.11 -2.42
N TYR A 233 -9.13 7.45 -1.57
CA TYR A 233 -8.74 8.83 -1.40
C TYR A 233 -7.70 9.15 -2.44
N MET A 234 -8.01 10.08 -3.33
CA MET A 234 -7.10 10.33 -4.45
C MET A 234 -6.32 11.61 -4.36
N LEU A 235 -5.16 11.48 -3.73
CA LEU A 235 -4.31 12.59 -3.48
C LEU A 235 -3.32 12.54 -4.61
N LYS A 236 -3.00 13.68 -5.19
CA LYS A 236 -1.91 13.75 -6.13
C LYS A 236 -0.68 14.27 -5.43
N GLY A 237 -0.83 15.36 -4.69
CA GLY A 237 0.36 16.02 -4.18
C GLY A 237 0.08 17.10 -3.16
N GLU A 238 -0.83 17.99 -3.47
CA GLU A 238 -1.32 18.92 -2.45
C GLU A 238 -2.82 18.96 -2.39
N TYR A 239 -3.44 18.18 -3.27
CA TYR A 239 -4.83 18.31 -3.59
C TYR A 239 -5.45 16.95 -3.48
N GLN A 240 -6.72 16.92 -3.10
CA GLN A 240 -7.55 15.72 -3.10
C GLN A 240 -8.65 15.94 -4.12
N TYR A 241 -8.85 14.95 -4.98
CA TYR A 241 -9.81 15.08 -6.06
C TYR A 241 -11.02 14.19 -5.80
N TRP A 242 -12.12 14.59 -6.44
CA TRP A 242 -13.37 13.85 -6.37
C TRP A 242 -14.03 13.88 -7.75
N PHE A 243 -14.10 12.72 -8.39
CA PHE A 243 -14.60 12.65 -9.76
C PHE A 243 -16.07 12.31 -9.83
N ASP A 244 -16.62 12.52 -11.02
CA ASP A 244 -17.96 12.05 -11.38
C ASP A 244 -18.00 11.81 -12.91
N LEU A 245 -18.64 10.73 -13.34
CA LEU A 245 -18.68 10.31 -14.75
C LEU A 245 -20.03 9.67 -14.99
N GLU A 246 -20.62 9.87 -16.18
CA GLU A 246 -21.95 9.29 -16.48
C GLU A 246 -21.90 7.77 -16.49
N ASP B 6 22.03 -71.96 -45.22
CA ASP B 6 21.38 -72.65 -44.06
C ASP B 6 21.01 -71.63 -42.95
N VAL B 7 21.92 -70.68 -42.73
CA VAL B 7 21.68 -69.49 -41.91
C VAL B 7 22.74 -68.51 -42.37
N VAL B 8 22.53 -67.22 -42.10
CA VAL B 8 23.56 -66.23 -42.36
C VAL B 8 23.37 -65.12 -41.35
N GLU B 9 24.37 -64.24 -41.27
CA GLU B 9 24.29 -63.14 -40.34
C GLU B 9 24.27 -61.79 -41.06
N MET B 10 23.29 -60.97 -40.71
CA MET B 10 23.10 -59.69 -41.37
C MET B 10 24.30 -58.82 -41.08
N ASP B 11 24.90 -58.29 -42.14
CA ASP B 11 26.10 -57.48 -42.04
C ASP B 11 25.78 -56.37 -41.08
N ASP B 12 26.81 -55.81 -40.45
CA ASP B 12 26.59 -54.71 -39.50
C ASP B 12 25.68 -53.69 -40.17
N ASN B 13 25.85 -53.50 -41.47
CA ASN B 13 24.91 -52.69 -42.20
C ASN B 13 24.42 -53.40 -43.47
N PHE B 14 23.48 -54.30 -43.23
CA PHE B 14 22.76 -55.00 -44.28
C PHE B 14 21.83 -54.08 -45.05
N GLU B 15 21.56 -54.41 -46.31
CA GLU B 15 20.53 -53.68 -47.08
C GLU B 15 19.65 -54.58 -47.95
N PHE B 16 20.24 -55.23 -48.95
CA PHE B 16 19.47 -56.04 -49.91
C PHE B 16 19.65 -57.54 -49.69
N GLY B 17 18.53 -58.25 -49.58
CA GLY B 17 18.54 -59.71 -49.56
C GLY B 17 18.00 -60.25 -50.86
N LEU B 18 18.11 -61.55 -51.05
CA LEU B 18 17.51 -62.23 -52.18
C LEU B 18 17.34 -63.72 -51.88
N CYS B 19 16.21 -64.06 -51.27
CA CYS B 19 15.88 -65.46 -51.02
C CYS B 19 15.97 -66.22 -52.34
N PRO B 20 16.39 -67.50 -52.30
CA PRO B 20 16.72 -68.14 -53.58
C PRO B 20 15.68 -68.19 -54.76
N CYS B 21 14.43 -68.63 -54.61
CA CYS B 21 13.72 -69.15 -55.80
C CYS B 21 12.20 -69.29 -55.72
N ASP B 22 11.45 -68.33 -56.29
CA ASP B 22 9.98 -68.26 -56.11
C ASP B 22 9.66 -68.65 -54.65
N ALA B 23 10.61 -68.35 -53.75
CA ALA B 23 10.57 -68.72 -52.33
C ALA B 23 10.63 -67.41 -51.57
N LYS B 24 9.83 -67.31 -50.53
CA LYS B 24 9.32 -66.02 -50.10
C LYS B 24 9.88 -65.60 -48.77
N PRO B 25 10.31 -64.32 -48.64
CA PRO B 25 10.83 -63.99 -47.32
C PRO B 25 9.70 -63.77 -46.35
N ILE B 26 9.87 -64.22 -45.12
CA ILE B 26 8.91 -63.94 -44.07
C ILE B 26 9.63 -63.53 -42.81
N VAL B 27 9.25 -62.37 -42.29
CA VAL B 27 10.08 -61.62 -41.36
C VAL B 27 9.43 -61.57 -39.99
N ARG B 28 10.16 -62.01 -38.97
CA ARG B 28 9.77 -61.76 -37.58
C ARG B 28 10.75 -60.74 -37.08
N GLY B 29 10.23 -59.57 -36.77
CA GLY B 29 11.07 -58.42 -36.47
C GLY B 29 10.59 -57.68 -35.25
N LYS B 30 11.35 -56.66 -34.91
CA LYS B 30 10.98 -55.81 -33.80
C LYS B 30 10.00 -54.73 -34.26
N PHE B 31 10.09 -54.33 -35.53
CA PHE B 31 9.17 -53.36 -36.08
C PHE B 31 9.15 -53.36 -37.61
N ASN B 32 8.01 -53.00 -38.19
CA ASN B 32 7.81 -53.06 -39.64
C ASN B 32 8.81 -52.19 -40.38
N THR B 33 9.88 -52.80 -40.86
CA THR B 33 10.98 -52.06 -41.48
C THR B 33 11.33 -52.58 -42.87
N THR B 34 10.80 -53.73 -43.23
CA THR B 34 11.19 -54.42 -44.44
C THR B 34 10.34 -53.98 -45.61
N LEU B 35 10.83 -54.24 -46.80
CA LEU B 35 10.18 -53.81 -48.03
C LEU B 35 10.43 -54.90 -49.05
N LEU B 36 9.49 -55.84 -49.16
CA LEU B 36 9.74 -57.08 -49.88
C LEU B 36 9.09 -57.13 -51.27
N ASN B 37 9.77 -57.83 -52.17
CA ASN B 37 9.38 -57.91 -53.57
C ASN B 37 9.84 -59.25 -54.16
N GLY B 38 8.89 -60.17 -54.28
CA GLY B 38 9.21 -61.51 -54.74
C GLY B 38 10.08 -62.22 -53.72
N PRO B 39 11.05 -63.01 -54.19
CA PRO B 39 12.02 -63.59 -53.27
C PRO B 39 13.05 -62.56 -52.78
N ALA B 40 13.02 -61.36 -53.32
CA ALA B 40 13.94 -60.30 -52.88
C ALA B 40 13.29 -59.43 -51.81
N PHE B 41 14.11 -58.82 -50.97
CA PHE B 41 13.63 -57.96 -49.91
C PHE B 41 14.69 -56.94 -49.53
N GLN B 42 14.25 -55.79 -49.02
CA GLN B 42 15.14 -54.72 -48.64
C GLN B 42 14.84 -54.33 -47.21
N MET B 43 15.89 -54.18 -46.42
CA MET B 43 15.76 -53.74 -45.05
C MET B 43 15.97 -52.25 -45.03
N VAL B 44 14.88 -51.47 -45.08
CA VAL B 44 15.04 -50.02 -45.18
C VAL B 44 15.18 -49.46 -43.76
N CYS B 45 16.35 -48.89 -43.47
CA CYS B 45 16.61 -48.21 -42.21
C CYS B 45 16.25 -49.02 -40.98
N PRO B 46 16.84 -50.22 -40.85
CA PRO B 46 16.50 -51.07 -39.71
C PRO B 46 17.29 -50.67 -38.46
N ILE B 47 17.30 -49.36 -38.18
CA ILE B 47 18.12 -48.79 -37.15
C ILE B 47 17.57 -49.22 -35.82
N GLY B 48 18.31 -50.05 -35.09
CA GLY B 48 17.84 -50.58 -33.82
C GLY B 48 17.03 -51.85 -33.98
N TRP B 49 16.94 -52.35 -35.20
CA TRP B 49 16.11 -53.51 -35.50
C TRP B 49 16.78 -54.82 -35.12
N THR B 50 16.00 -55.75 -34.56
CA THR B 50 16.46 -57.11 -34.31
C THR B 50 15.39 -58.14 -34.67
N GLY B 51 15.80 -59.19 -35.37
CA GLY B 51 14.89 -60.28 -35.72
C GLY B 51 15.44 -61.11 -36.87
N THR B 52 14.53 -61.70 -37.64
CA THR B 52 14.90 -62.58 -38.73
C THR B 52 13.98 -62.48 -39.94
N VAL B 53 14.61 -62.41 -41.12
CA VAL B 53 13.99 -62.81 -42.37
C VAL B 53 14.19 -64.32 -42.47
N SER B 54 13.38 -65.00 -43.27
CA SER B 54 13.54 -66.42 -43.51
C SER B 54 12.75 -66.86 -44.76
N CYS B 55 13.49 -67.16 -45.82
CA CYS B 55 12.95 -67.72 -47.05
C CYS B 55 12.30 -69.05 -46.80
N THR B 56 10.97 -69.10 -46.83
CA THR B 56 10.25 -70.36 -46.68
C THR B 56 9.52 -70.68 -47.96
N SER B 57 9.76 -71.87 -48.50
CA SER B 57 8.91 -72.40 -49.57
C SER B 57 7.59 -72.86 -48.97
N PHE B 58 6.55 -72.80 -49.79
CA PHE B 58 5.19 -73.09 -49.37
C PHE B 58 4.54 -73.83 -50.50
N ASN B 59 4.72 -75.15 -50.55
CA ASN B 59 4.03 -75.98 -51.52
C ASN B 59 2.55 -75.84 -51.20
N MET B 60 1.72 -75.63 -52.23
CA MET B 60 0.38 -75.12 -52.02
C MET B 60 -0.65 -76.20 -51.67
N ASP B 61 -0.51 -77.38 -52.26
CA ASP B 61 -1.35 -78.53 -51.90
C ASP B 61 -1.04 -79.03 -50.49
N THR B 62 0.26 -79.10 -50.16
CA THR B 62 0.71 -79.55 -48.84
C THR B 62 0.20 -78.62 -47.73
N LEU B 63 0.30 -77.32 -47.99
CA LEU B 63 -0.15 -76.24 -47.09
C LEU B 63 0.83 -75.97 -45.94
N ALA B 64 1.96 -76.68 -45.93
CA ALA B 64 2.97 -76.53 -44.89
C ALA B 64 4.06 -75.58 -45.35
N THR B 65 4.89 -75.14 -44.41
CA THR B 65 6.03 -74.28 -44.70
C THR B 65 7.28 -75.13 -44.94
N THR B 66 8.40 -74.47 -45.22
CA THR B 66 9.74 -75.11 -45.20
C THR B 66 10.83 -74.05 -45.37
N VAL B 67 11.44 -73.65 -44.25
CA VAL B 67 12.48 -72.62 -44.26
C VAL B 67 13.77 -73.18 -44.88
N VAL B 68 14.30 -72.47 -45.87
CA VAL B 68 15.44 -72.94 -46.65
C VAL B 68 16.66 -72.03 -46.52
N ARG B 69 16.49 -70.88 -45.89
CA ARG B 69 17.59 -69.94 -45.69
C ARG B 69 17.14 -68.90 -44.68
N THR B 70 17.97 -68.58 -43.69
CA THR B 70 17.56 -67.64 -42.66
C THR B 70 18.60 -66.55 -42.44
N TYR B 71 18.28 -65.35 -42.93
CA TYR B 71 19.05 -64.17 -42.61
C TYR B 71 18.65 -63.73 -41.21
N ARG B 72 19.62 -63.41 -40.38
CA ARG B 72 19.39 -63.30 -38.95
C ARG B 72 20.09 -62.07 -38.41
N ARG B 73 19.57 -61.51 -37.33
CA ARG B 73 20.06 -60.22 -36.88
C ARG B 73 19.89 -60.04 -35.39
N SER B 74 20.73 -60.72 -34.62
CA SER B 74 20.56 -60.76 -33.18
C SER B 74 20.79 -59.45 -32.48
N LYS B 75 21.49 -58.54 -33.15
CA LYS B 75 21.94 -57.34 -32.48
C LYS B 75 21.54 -56.07 -33.23
N PRO B 76 20.96 -55.09 -32.52
CA PRO B 76 20.57 -53.86 -33.20
C PRO B 76 21.54 -53.31 -34.23
N PHE B 77 21.00 -52.59 -35.19
CA PHE B 77 21.80 -52.01 -36.25
C PHE B 77 22.36 -50.67 -35.80
N PRO B 78 23.42 -50.18 -36.45
CA PRO B 78 23.90 -48.86 -36.11
C PRO B 78 23.06 -47.85 -36.86
N HIS B 79 23.58 -46.65 -37.07
CA HIS B 79 23.00 -45.73 -38.03
C HIS B 79 23.30 -46.15 -39.42
N ARG B 80 22.90 -45.30 -40.35
CA ARG B 80 23.17 -45.47 -41.74
C ARG B 80 23.27 -44.09 -42.26
N GLN B 81 23.37 -43.95 -43.58
CA GLN B 81 23.21 -42.67 -44.25
C GLN B 81 22.01 -42.85 -45.15
N GLY B 82 21.27 -41.76 -45.35
CA GLY B 82 20.04 -41.77 -46.14
C GLY B 82 18.85 -42.16 -45.30
N CYS B 83 19.07 -42.19 -43.97
CA CYS B 83 18.05 -42.57 -43.01
C CYS B 83 17.78 -41.38 -42.11
N ILE B 84 16.64 -40.76 -42.33
CA ILE B 84 16.14 -39.73 -41.44
C ILE B 84 15.87 -40.35 -40.06
N THR B 85 16.10 -39.57 -39.00
CA THR B 85 15.90 -40.07 -37.64
C THR B 85 15.04 -39.08 -36.84
N GLN B 86 14.01 -38.55 -37.50
CA GLN B 86 13.07 -37.59 -36.90
C GLN B 86 11.86 -37.42 -37.81
N LYS B 87 10.69 -37.25 -37.21
CA LYS B 87 9.44 -37.11 -37.97
C LYS B 87 8.50 -36.19 -37.27
N ASN B 88 7.65 -35.56 -38.06
CA ASN B 88 6.66 -34.62 -37.58
C ASN B 88 5.37 -35.35 -37.16
N LEU B 89 5.13 -35.45 -35.86
CA LEU B 89 3.83 -35.88 -35.35
C LEU B 89 2.93 -34.67 -35.30
N GLY B 90 2.30 -34.39 -36.45
CA GLY B 90 1.47 -33.21 -36.65
C GLY B 90 2.34 -32.03 -37.05
N GLU B 91 2.75 -31.27 -36.04
CA GLU B 91 3.68 -30.17 -36.22
C GLU B 91 4.86 -30.26 -35.23
N ASP B 92 5.01 -31.40 -34.57
CA ASP B 92 6.05 -31.61 -33.56
C ASP B 92 7.05 -32.67 -33.98
N LEU B 93 8.34 -32.44 -33.76
CA LEU B 93 9.35 -33.42 -34.15
C LEU B 93 9.60 -34.42 -33.05
N HIS B 94 9.58 -35.69 -33.42
CA HIS B 94 9.94 -36.76 -32.51
C HIS B 94 11.10 -37.56 -33.11
N ASN B 95 12.11 -37.83 -32.30
CA ASN B 95 13.26 -38.57 -32.78
C ASN B 95 12.79 -40.01 -32.92
N CYS B 96 12.71 -40.54 -34.16
CA CYS B 96 12.44 -41.97 -34.34
C CYS B 96 13.43 -42.71 -33.55
N ILE B 97 13.01 -43.30 -32.46
CA ILE B 97 13.86 -44.20 -31.70
C ILE B 97 14.41 -45.31 -32.61
N LEU B 98 13.57 -45.79 -33.53
CA LEU B 98 13.86 -47.01 -34.25
C LEU B 98 13.88 -47.00 -35.77
N GLY B 99 13.59 -45.89 -36.41
CA GLY B 99 13.52 -45.88 -37.88
C GLY B 99 14.58 -44.95 -38.41
N GLY B 100 14.70 -44.77 -39.72
CA GLY B 100 13.70 -45.18 -40.73
C GLY B 100 13.09 -43.97 -41.40
N ASN B 101 13.33 -43.76 -42.69
CA ASN B 101 12.63 -42.73 -43.42
C ASN B 101 11.16 -42.91 -43.13
N TRP B 102 10.61 -44.00 -43.64
CA TRP B 102 9.18 -44.27 -43.51
C TRP B 102 8.90 -45.21 -42.37
N THR B 103 9.89 -45.46 -41.54
CA THR B 103 9.73 -46.44 -40.50
C THR B 103 10.13 -45.89 -39.13
N CYS B 104 10.04 -44.57 -38.94
CA CYS B 104 10.35 -43.93 -37.66
C CYS B 104 9.44 -44.60 -36.69
N VAL B 105 9.96 -44.96 -35.54
CA VAL B 105 9.12 -45.32 -34.43
C VAL B 105 9.42 -44.19 -33.51
N PRO B 106 8.44 -43.32 -33.30
CA PRO B 106 8.63 -42.15 -32.47
C PRO B 106 8.40 -42.49 -31.00
N GLY B 107 8.90 -41.64 -30.10
CA GLY B 107 8.56 -41.77 -28.67
C GLY B 107 8.62 -40.52 -27.82
N ASP B 108 9.22 -39.46 -28.33
CA ASP B 108 9.60 -38.29 -27.54
C ASP B 108 9.86 -37.12 -28.46
N GLN B 109 9.48 -35.92 -28.03
CA GLN B 109 9.68 -34.72 -28.85
C GLN B 109 11.08 -34.17 -28.65
N LEU B 110 11.65 -33.61 -29.71
CA LEU B 110 13.03 -33.14 -29.66
C LEU B 110 13.17 -31.87 -28.83
N LEU B 111 14.14 -31.87 -27.92
CA LEU B 111 14.54 -30.64 -27.23
C LEU B 111 15.23 -29.76 -28.26
N TYR B 112 15.48 -28.51 -27.89
CA TYR B 112 16.01 -27.52 -28.82
C TYR B 112 17.38 -26.95 -28.41
N LYS B 113 18.26 -26.83 -29.40
CA LYS B 113 19.59 -26.26 -29.21
C LYS B 113 20.09 -25.43 -30.40
N GLY B 114 19.38 -25.46 -31.52
CA GLY B 114 19.82 -24.79 -32.75
C GLY B 114 19.69 -23.29 -32.73
N GLY B 115 19.66 -22.70 -33.93
CA GLY B 115 19.60 -21.26 -34.09
C GLY B 115 18.57 -20.89 -35.14
N SER B 116 18.58 -19.63 -35.56
CA SER B 116 17.64 -19.08 -36.55
C SER B 116 16.20 -19.62 -36.39
N ILE B 117 15.53 -19.19 -35.33
CA ILE B 117 14.19 -19.70 -35.02
C ILE B 117 13.18 -18.98 -35.89
N GLU B 118 12.54 -19.75 -36.77
CA GLU B 118 11.56 -19.19 -37.68
C GLU B 118 10.47 -18.50 -36.86
N SER B 119 9.98 -19.21 -35.84
CA SER B 119 8.94 -18.69 -34.96
C SER B 119 8.72 -19.61 -33.76
N CYS B 120 8.16 -19.04 -32.70
CA CYS B 120 7.81 -19.81 -31.52
C CYS B 120 6.31 -19.97 -31.49
N LYS B 121 5.83 -20.86 -30.63
CA LYS B 121 4.39 -21.05 -30.46
C LYS B 121 4.04 -21.35 -29.00
N TRP B 122 3.10 -20.58 -28.48
CA TRP B 122 2.82 -20.55 -27.05
C TRP B 122 1.33 -20.39 -26.77
N CYS B 123 0.83 -21.23 -25.88
CA CYS B 123 -0.58 -21.21 -25.49
C CYS B 123 -1.54 -21.02 -26.66
N GLY B 124 -1.22 -21.64 -27.80
CA GLY B 124 -2.08 -21.58 -28.98
C GLY B 124 -1.58 -20.60 -30.03
N TYR B 125 -1.28 -19.39 -29.57
CA TYR B 125 -0.91 -18.30 -30.47
C TYR B 125 0.57 -18.38 -30.71
N GLN B 126 1.03 -17.88 -31.86
CA GLN B 126 2.45 -17.92 -32.15
C GLN B 126 3.10 -16.56 -32.28
N PHE B 127 4.42 -16.56 -32.09
CA PHE B 127 5.19 -15.34 -31.94
C PHE B 127 6.45 -15.40 -32.76
N LYS B 128 6.59 -14.46 -33.68
CA LYS B 128 7.84 -14.23 -34.36
C LYS B 128 8.23 -12.98 -33.64
N GLU B 129 9.48 -12.84 -33.22
CA GLU B 129 9.90 -11.62 -32.49
C GLU B 129 9.35 -11.68 -31.07
N SER B 130 9.86 -10.83 -30.18
CA SER B 130 9.71 -11.09 -28.76
C SER B 130 9.13 -9.96 -27.90
N GLU B 131 8.40 -9.03 -28.50
CA GLU B 131 7.76 -7.97 -27.70
C GLU B 131 6.84 -8.63 -26.69
N GLY B 132 7.02 -8.29 -25.42
CA GLY B 132 5.99 -8.51 -24.40
C GLY B 132 5.80 -9.89 -23.82
N LEU B 133 6.58 -10.87 -24.24
CA LEU B 133 6.48 -12.17 -23.59
C LEU B 133 7.41 -12.06 -22.42
N PRO B 134 7.58 -13.15 -21.64
CA PRO B 134 8.84 -13.21 -20.92
C PRO B 134 9.92 -13.38 -21.99
N HIS B 135 10.64 -14.49 -21.99
CA HIS B 135 11.79 -14.66 -22.88
C HIS B 135 11.27 -14.97 -24.27
N TYR B 136 12.15 -15.01 -25.28
CA TYR B 136 11.73 -15.39 -26.64
C TYR B 136 11.81 -16.89 -26.94
N PRO B 137 12.88 -17.56 -26.51
CA PRO B 137 12.76 -19.02 -26.48
C PRO B 137 11.55 -19.41 -25.61
N ILE B 138 10.40 -19.64 -26.23
CA ILE B 138 9.18 -19.99 -25.49
C ILE B 138 8.32 -21.07 -26.18
N GLY B 139 8.01 -22.13 -25.43
CA GLY B 139 7.05 -23.13 -25.88
C GLY B 139 7.67 -24.03 -26.91
N LYS B 140 6.91 -24.33 -27.96
CA LYS B 140 7.43 -25.07 -29.10
C LYS B 140 7.94 -24.05 -30.12
N CYS B 141 9.21 -24.13 -30.51
CA CYS B 141 9.72 -23.22 -31.55
C CYS B 141 10.29 -23.99 -32.73
N LYS B 142 9.96 -23.50 -33.92
CA LYS B 142 10.28 -24.15 -35.19
C LYS B 142 11.47 -23.45 -35.81
N LEU B 143 12.45 -24.24 -36.25
CA LEU B 143 13.67 -23.66 -36.84
C LEU B 143 13.37 -23.19 -38.27
N GLU B 144 14.35 -22.62 -38.94
CA GLU B 144 14.08 -22.01 -40.25
C GLU B 144 13.81 -23.09 -41.28
N ASN B 145 14.62 -24.14 -41.27
CA ASN B 145 14.51 -25.22 -42.26
C ASN B 145 13.34 -26.18 -42.01
N GLU B 146 13.33 -26.82 -40.84
CA GLU B 146 12.38 -27.88 -40.56
C GLU B 146 10.96 -27.37 -40.30
N THR B 147 9.99 -28.16 -40.74
CA THR B 147 8.59 -27.74 -40.78
C THR B 147 7.84 -28.07 -39.51
N GLY B 148 8.56 -28.36 -38.43
CA GLY B 148 7.90 -28.77 -37.18
C GLY B 148 8.48 -28.15 -35.92
N TYR B 149 7.71 -28.23 -34.84
CA TYR B 149 8.02 -27.50 -33.62
C TYR B 149 8.86 -28.32 -32.64
N ARG B 150 10.02 -27.76 -32.32
CA ARG B 150 10.96 -28.36 -31.41
C ARG B 150 10.78 -27.74 -30.04
N LEU B 151 10.58 -28.56 -29.01
CA LEU B 151 10.39 -28.07 -27.64
C LEU B 151 11.58 -27.24 -27.19
N VAL B 152 11.33 -26.13 -26.50
CA VAL B 152 12.42 -25.30 -25.92
C VAL B 152 12.25 -25.09 -24.42
N ASP B 153 11.06 -24.72 -23.99
CA ASP B 153 10.75 -24.73 -22.57
C ASP B 153 9.24 -24.83 -22.37
N SER B 154 8.82 -25.00 -21.13
CA SER B 154 7.41 -25.00 -20.80
C SER B 154 7.21 -24.03 -19.65
N THR B 155 6.66 -22.87 -19.97
CA THR B 155 6.36 -21.82 -19.01
C THR B 155 4.87 -21.77 -18.90
N SER B 156 4.36 -21.53 -17.71
CA SER B 156 2.93 -21.54 -17.52
C SER B 156 2.32 -20.61 -18.51
N CYS B 157 1.06 -20.85 -18.84
CA CYS B 157 0.24 -19.83 -19.46
C CYS B 157 -0.68 -19.24 -18.40
N ASN B 158 -0.48 -19.64 -17.15
CA ASN B 158 -0.99 -18.92 -16.00
C ASN B 158 0.05 -17.90 -15.56
N ARG B 159 0.21 -16.90 -16.40
CA ARG B 159 1.16 -15.86 -16.14
C ARG B 159 0.54 -15.02 -15.06
N GLU B 160 1.08 -15.19 -13.86
CA GLU B 160 0.77 -14.33 -12.73
C GLU B 160 -0.73 -14.12 -12.46
N GLY B 161 -1.43 -15.20 -12.17
CA GLY B 161 -2.79 -15.11 -11.68
C GLY B 161 -3.78 -14.81 -12.78
N VAL B 162 -3.32 -14.72 -14.01
CA VAL B 162 -4.22 -14.54 -15.13
C VAL B 162 -3.69 -15.42 -16.25
N ALA B 163 -4.59 -15.99 -17.05
CA ALA B 163 -4.26 -17.09 -17.93
C ALA B 163 -4.38 -16.74 -19.40
N ILE B 164 -3.46 -17.25 -20.21
CA ILE B 164 -3.53 -17.08 -21.66
C ILE B 164 -4.10 -18.35 -22.27
N VAL B 165 -5.25 -18.23 -22.94
CA VAL B 165 -5.90 -19.38 -23.57
C VAL B 165 -6.79 -18.98 -24.75
N PRO B 166 -7.09 -19.94 -25.67
CA PRO B 166 -8.02 -19.69 -26.77
C PRO B 166 -9.47 -19.57 -26.31
N GLN B 167 -9.80 -20.27 -25.23
CA GLN B 167 -11.10 -20.11 -24.59
C GLN B 167 -10.99 -19.01 -23.54
N GLY B 168 -11.23 -17.76 -23.96
CA GLY B 168 -11.04 -16.61 -23.07
C GLY B 168 -12.15 -15.57 -23.01
N THR B 169 -12.15 -14.80 -21.92
CA THR B 169 -13.21 -13.83 -21.60
C THR B 169 -13.14 -12.52 -22.43
N LEU B 170 -11.95 -11.97 -22.65
CA LEU B 170 -11.76 -10.98 -23.71
C LEU B 170 -10.29 -10.90 -24.07
N LYS B 171 -10.00 -10.13 -25.11
CA LYS B 171 -8.76 -10.22 -25.84
C LYS B 171 -7.80 -9.13 -25.44
N CYS B 172 -6.63 -9.54 -25.00
CA CYS B 172 -5.54 -8.64 -24.84
C CYS B 172 -4.95 -8.64 -26.22
N LYS B 173 -3.74 -8.09 -26.32
CA LYS B 173 -2.85 -8.28 -27.45
C LYS B 173 -1.45 -8.35 -26.87
N ILE B 174 -0.73 -9.44 -27.08
CA ILE B 174 0.62 -9.60 -26.54
C ILE B 174 1.49 -9.58 -27.77
N GLY B 175 2.72 -9.12 -27.64
CA GLY B 175 3.53 -8.91 -28.82
C GLY B 175 2.75 -8.02 -29.75
N LYS B 176 3.04 -8.11 -31.03
CA LYS B 176 2.18 -7.50 -32.03
C LYS B 176 1.33 -8.64 -32.62
N THR B 177 0.62 -9.33 -31.73
CA THR B 177 -0.27 -10.46 -32.07
C THR B 177 -1.45 -10.67 -31.09
N THR B 178 -2.67 -10.60 -31.63
CA THR B 178 -3.92 -10.76 -30.86
C THR B 178 -3.99 -12.06 -30.06
N VAL B 179 -4.61 -11.97 -28.88
CA VAL B 179 -4.63 -13.08 -27.94
C VAL B 179 -5.82 -12.91 -26.99
N GLN B 180 -6.13 -13.99 -26.29
CA GLN B 180 -7.34 -14.09 -25.49
C GLN B 180 -6.98 -14.61 -24.09
N VAL B 181 -7.74 -14.20 -23.09
CA VAL B 181 -7.31 -14.36 -21.70
C VAL B 181 -8.44 -14.52 -20.67
N ILE B 182 -8.18 -15.41 -19.72
CA ILE B 182 -9.12 -15.79 -18.66
C ILE B 182 -8.56 -15.34 -17.32
N ALA B 183 -9.40 -14.71 -16.51
CA ALA B 183 -9.02 -14.39 -15.13
C ALA B 183 -9.02 -15.70 -14.34
N MET B 184 -8.00 -15.87 -13.50
CA MET B 184 -7.86 -17.07 -12.69
C MET B 184 -7.69 -16.71 -11.23
N ASP B 185 -8.30 -15.60 -10.84
CA ASP B 185 -7.96 -14.96 -9.61
C ASP B 185 -8.76 -13.70 -9.55
N THR B 186 -8.71 -13.04 -8.41
CA THR B 186 -9.31 -11.74 -8.30
C THR B 186 -8.39 -10.72 -7.66
N LYS B 187 -7.35 -11.16 -6.97
CA LYS B 187 -6.50 -10.20 -6.27
C LYS B 187 -5.81 -9.33 -7.30
N LEU B 188 -5.16 -8.26 -6.88
CA LEU B 188 -4.56 -7.34 -7.84
C LEU B 188 -3.34 -7.99 -8.45
N GLY B 189 -3.20 -7.84 -9.76
CA GLY B 189 -2.05 -8.40 -10.47
C GLY B 189 -1.92 -7.85 -11.88
N PRO B 190 -0.68 -7.86 -12.41
CA PRO B 190 -0.48 -7.28 -13.72
C PRO B 190 -1.15 -8.12 -14.75
N MET B 191 -1.35 -7.54 -15.92
CA MET B 191 -1.87 -8.26 -17.07
C MET B 191 -0.70 -8.62 -17.95
N PRO B 192 -0.71 -9.82 -18.55
CA PRO B 192 0.47 -10.14 -19.32
C PRO B 192 0.34 -9.78 -20.77
N CYS B 193 -0.64 -8.95 -21.13
CA CYS B 193 -0.76 -8.47 -22.51
C CYS B 193 -0.94 -6.93 -22.46
N ARG B 194 -0.77 -6.28 -23.59
CA ARG B 194 -0.95 -4.82 -23.68
C ARG B 194 -2.43 -4.70 -23.93
N PRO B 195 -3.08 -3.58 -23.58
CA PRO B 195 -4.48 -3.51 -24.01
C PRO B 195 -4.67 -3.57 -25.52
N TYR B 196 -5.78 -4.18 -25.93
CA TYR B 196 -6.16 -4.29 -27.35
C TYR B 196 -6.56 -2.96 -28.00
N GLU B 197 -7.55 -2.30 -27.41
CA GLU B 197 -8.12 -1.05 -27.91
C GLU B 197 -8.25 -0.07 -26.75
N ILE B 198 -8.25 1.23 -27.04
CA ILE B 198 -8.18 2.25 -26.00
C ILE B 198 -9.22 3.35 -26.25
N ILE B 199 -10.46 3.03 -25.90
CA ILE B 199 -11.60 3.91 -26.14
C ILE B 199 -11.52 5.25 -25.39
N SER B 200 -11.96 6.33 -26.03
CA SER B 200 -11.79 7.67 -25.46
C SER B 200 -13.13 8.40 -25.20
N SER B 201 -13.04 9.61 -24.64
CA SER B 201 -14.21 10.39 -24.27
C SER B 201 -14.02 11.90 -24.53
N GLU B 206 -5.50 25.19 -17.42
CA GLU B 206 -6.86 24.71 -17.50
C GLU B 206 -7.51 25.05 -18.86
N LYS B 207 -7.95 24.01 -19.57
CA LYS B 207 -8.66 24.15 -20.83
C LYS B 207 -9.96 23.35 -20.85
N THR B 208 -9.88 22.06 -21.13
CA THR B 208 -11.02 21.15 -21.05
C THR B 208 -10.85 20.29 -19.80
N ALA B 209 -11.90 20.15 -19.02
CA ALA B 209 -11.77 19.64 -17.65
C ALA B 209 -12.22 18.20 -17.52
N CYS B 210 -11.29 17.35 -17.07
CA CYS B 210 -11.54 15.94 -16.81
C CYS B 210 -11.74 15.24 -18.13
N THR B 211 -10.63 14.81 -18.75
CA THR B 211 -10.68 14.06 -20.00
C THR B 211 -9.89 12.77 -19.82
N PHE B 212 -10.42 11.65 -20.28
CA PHE B 212 -9.76 10.36 -20.02
C PHE B 212 -9.92 9.37 -21.14
N ASN B 213 -9.00 8.42 -21.16
CA ASN B 213 -8.98 7.27 -22.07
C ASN B 213 -9.19 6.09 -21.15
N TYR B 214 -9.65 4.96 -21.67
CA TYR B 214 -9.82 3.75 -20.87
C TYR B 214 -9.87 2.45 -21.68
N THR B 215 -10.02 1.32 -20.98
CA THR B 215 -10.02 0.02 -21.64
C THR B 215 -10.59 -1.08 -20.76
N LYS B 216 -11.35 -1.99 -21.38
CA LYS B 216 -11.93 -3.13 -20.67
C LYS B 216 -10.81 -4.01 -20.13
N THR B 217 -11.08 -4.74 -19.04
CA THR B 217 -10.02 -5.42 -18.29
C THR B 217 -10.57 -6.43 -17.30
N LEU B 218 -9.71 -7.37 -16.92
CA LEU B 218 -10.13 -8.37 -15.98
C LEU B 218 -10.18 -7.66 -14.65
N LYS B 219 -11.14 -8.04 -13.82
CA LYS B 219 -11.30 -7.44 -12.50
C LYS B 219 -9.97 -7.45 -11.77
N ASN B 220 -9.50 -6.26 -11.38
CA ASN B 220 -8.32 -6.14 -10.51
C ASN B 220 -6.95 -6.32 -11.16
N LYS B 221 -6.87 -6.33 -12.49
CA LYS B 221 -5.60 -6.47 -13.17
C LYS B 221 -5.34 -5.21 -13.96
N TYR B 222 -4.08 -4.90 -14.19
CA TYR B 222 -3.72 -3.57 -14.67
C TYR B 222 -2.68 -3.58 -15.79
N PHE B 223 -3.08 -3.07 -16.95
CA PHE B 223 -2.12 -2.89 -18.03
C PHE B 223 -1.18 -1.77 -17.63
N GLU B 224 0.04 -1.85 -18.14
CA GLU B 224 0.94 -0.74 -18.06
C GLU B 224 0.40 0.31 -19.02
N PRO B 225 0.66 1.58 -18.74
CA PRO B 225 1.35 2.07 -17.57
C PRO B 225 0.41 2.62 -16.51
N ARG B 226 0.97 2.93 -15.35
CA ARG B 226 0.22 3.56 -14.26
C ARG B 226 -0.29 4.87 -14.81
N ASP B 227 -1.27 5.47 -14.15
CA ASP B 227 -1.75 6.75 -14.60
C ASP B 227 -0.56 7.70 -14.63
N SER B 228 -0.38 8.37 -15.76
CA SER B 228 0.68 9.37 -15.95
C SER B 228 0.61 10.41 -14.85
N TYR B 229 -0.56 10.49 -14.23
CA TYR B 229 -0.88 11.55 -13.34
C TYR B 229 -0.85 11.18 -11.87
N PHE B 230 -1.84 10.42 -11.41
CA PHE B 230 -1.93 10.04 -10.02
C PHE B 230 -0.91 8.96 -9.74
N GLN B 231 -0.17 8.55 -10.77
CA GLN B 231 0.92 7.62 -10.61
C GLN B 231 0.47 6.39 -9.90
N GLN B 232 -0.58 5.78 -10.43
CA GLN B 232 -0.99 4.44 -10.04
C GLN B 232 -2.02 3.90 -11.00
N TYR B 233 -2.34 2.64 -10.80
CA TYR B 233 -3.17 1.93 -11.73
C TYR B 233 -4.57 2.24 -11.32
N MET B 234 -5.28 2.94 -12.20
CA MET B 234 -6.61 3.44 -11.87
C MET B 234 -7.70 2.48 -12.30
N LEU B 235 -7.92 1.45 -11.50
CA LEU B 235 -8.89 0.41 -11.80
C LEU B 235 -10.20 0.66 -11.08
N LYS B 236 -11.32 0.37 -11.75
CA LYS B 236 -12.62 0.35 -11.10
C LYS B 236 -13.16 -1.07 -11.15
N GLY B 237 -13.93 -1.40 -12.19
CA GLY B 237 -14.60 -2.68 -12.28
C GLY B 237 -13.88 -3.48 -13.33
N GLU B 238 -14.47 -3.57 -14.51
CA GLU B 238 -13.86 -4.28 -15.62
C GLU B 238 -13.04 -3.32 -16.48
N TYR B 239 -12.83 -2.09 -16.02
CA TYR B 239 -12.14 -1.08 -16.83
C TYR B 239 -11.00 -0.40 -16.09
N GLN B 240 -10.10 0.19 -16.86
CA GLN B 240 -8.99 0.96 -16.34
C GLN B 240 -8.94 2.29 -17.06
N TYR B 241 -8.55 3.34 -16.35
CA TYR B 241 -8.54 4.69 -16.92
C TYR B 241 -7.15 5.35 -16.86
N TRP B 242 -6.98 6.35 -17.72
CA TRP B 242 -5.82 7.26 -17.69
C TRP B 242 -6.30 8.70 -17.90
N PHE B 243 -6.15 9.55 -16.87
CA PHE B 243 -6.71 10.90 -16.91
C PHE B 243 -5.70 11.95 -17.38
N ASP B 244 -6.22 13.02 -18.00
CA ASP B 244 -5.45 14.24 -18.33
C ASP B 244 -6.24 15.44 -17.84
N LEU B 245 -5.59 16.36 -17.15
CA LEU B 245 -6.24 17.56 -16.63
C LEU B 245 -5.16 18.48 -16.08
N GLU B 246 -5.55 19.69 -15.67
CA GLU B 246 -4.64 20.63 -15.01
C GLU B 246 -5.34 21.97 -14.75
#